data_7F3M
#
_entry.id   7F3M
#
_cell.length_a   42.449
_cell.length_b   61.100
_cell.length_c   61.041
_cell.angle_alpha   90.000
_cell.angle_beta   97.650
_cell.angle_gamma   90.000
#
_symmetry.space_group_name_H-M   'P 1 21 1'
#
loop_
_entity.id
_entity.type
_entity.pdbx_description
1 polymer 'Fibroblast growth factor receptor 4'
2 non-polymer 6-[2,6-bis(chloranyl)-3,5-dimethoxy-phenyl]-2-(methylamino)-8-[3-(4-prop-2-enoylpiperazin-1-yl)propyl]pyrido[2,3-d]pyrimidin-7-one
3 non-polymer 'SULFATE ION'
4 water water
#
_entity_poly.entity_id   1
_entity_poly.type   'polypeptide(L)'
_entity_poly.pdbx_seq_one_letter_code
;GPLLAGLVSLDLPLDPLWEFPRDRLVLGKPLGEGCFGQVVRAEAFGMDPARPDQASTVAVKMLKDNASDKDLADLVSEME
VMKLIGRHKNIINLLGVCTQEGPLYVIVECAAKGNLREFLRARRPPGPDLSPDGPRSSEGPLSFPVLVSCAYQVARGMQY
LESRKCIHRDLAARNVLVTEDNVMKIADFGLARGVHHIDYYKKTSNGRLPVKWMAPEALFDEVYTHQSDVWSFGILLWEI
FTLGGSPYPGIPVEELFSLLREGHRMDRPPHCPPELYGLMRECWHAAPSQRPTFKQLVEALDKVLLAVSEE
;
_entity_poly.pdbx_strand_id   A
#
loop_
_chem_comp.id
_chem_comp.type
_chem_comp.name
_chem_comp.formula
GX3 non-polymer 6-[2,6-bis(chloranyl)-3,5-dimethoxy-phenyl]-2-(methylamino)-8-[3-(4-prop-2-enoylpiperazin-1-yl)propyl]pyrido[2,3-d]pyrimidin-7-one 'C26 H30 Cl2 N6 O4'
SO4 non-polymer 'SULFATE ION' 'O4 S -2'
#
# COMPACT_ATOMS: atom_id res chain seq x y z
N ASP A 11 19.40 26.84 5.65
CA ASP A 11 19.10 25.59 4.97
C ASP A 11 17.60 25.50 4.65
N LEU A 12 16.93 24.49 5.22
CA LEU A 12 15.52 24.26 4.93
C LEU A 12 14.63 25.30 5.62
N PRO A 13 13.55 25.69 4.95
CA PRO A 13 12.61 26.67 5.52
C PRO A 13 11.81 26.10 6.69
N LEU A 14 11.43 26.94 7.63
CA LEU A 14 10.67 26.50 8.79
C LEU A 14 9.17 26.51 8.51
N ASP A 15 8.54 25.35 8.65
CA ASP A 15 7.10 25.23 8.51
C ASP A 15 6.49 24.94 9.88
N PRO A 16 6.10 26.00 10.61
CA PRO A 16 5.59 25.88 11.99
C PRO A 16 4.36 24.98 12.09
N LEU A 17 3.61 24.86 10.99
CA LEU A 17 2.43 24.02 10.98
C LEU A 17 2.79 22.55 11.17
N TRP A 18 3.94 22.15 10.65
CA TRP A 18 4.34 20.75 10.66
C TRP A 18 5.58 20.46 11.51
N GLU A 19 6.35 21.50 11.81
CA GLU A 19 7.61 21.31 12.52
C GLU A 19 7.40 20.74 13.93
N PHE A 20 8.13 19.67 14.23
CA PHE A 20 8.05 19.00 15.52
C PHE A 20 9.44 18.92 16.15
N PRO A 21 9.55 19.26 17.44
CA PRO A 21 10.83 19.24 18.16
C PRO A 21 11.47 17.86 18.15
N ARG A 22 12.66 17.75 17.59
CA ARG A 22 13.34 16.46 17.44
C ARG A 22 13.65 15.81 18.77
N ASP A 23 13.84 16.62 19.81
CA ASP A 23 14.17 16.11 21.13
C ASP A 23 12.98 15.41 21.78
N ARG A 24 11.80 15.57 21.19
CA ARG A 24 10.61 14.87 21.65
C ARG A 24 10.46 13.52 20.96
N LEU A 25 11.44 13.17 20.13
CA LEU A 25 11.49 11.86 19.49
C LEU A 25 12.48 10.95 20.19
N VAL A 26 12.11 9.67 20.34
CA VAL A 26 13.04 8.66 20.79
C VAL A 26 13.07 7.54 19.75
N LEU A 27 14.08 7.56 18.90
CA LEU A 27 14.18 6.61 17.79
C LEU A 27 14.39 5.19 18.27
N GLY A 28 13.82 4.23 17.54
CA GLY A 28 13.91 2.83 17.93
C GLY A 28 14.30 1.91 16.77
N LYS A 29 13.77 0.70 16.79
CA LYS A 29 14.13 -0.31 15.80
C LYS A 29 13.62 0.02 14.40
N PRO A 30 14.36 -0.41 13.36
CA PRO A 30 13.95 -0.23 11.97
C PRO A 30 12.63 -0.92 11.67
N LEU A 31 11.97 -0.51 10.59
CA LEU A 31 10.68 -1.07 10.21
C LEU A 31 10.73 -1.80 8.86
N GLY A 32 11.82 -1.63 8.12
CA GLY A 32 11.96 -2.28 6.84
C GLY A 32 13.20 -1.89 6.06
N GLU A 33 13.10 -1.98 4.73
CA GLU A 33 14.24 -1.73 3.85
C GLU A 33 14.29 -0.28 3.36
N GLY A 34 13.33 0.07 2.52
CA GLY A 34 13.31 1.39 1.89
C GLY A 34 14.38 1.52 0.81
N CYS A 35 14.39 2.66 0.13
CA CYS A 35 15.43 2.95 -0.84
C CYS A 35 16.36 4.07 -0.36
N GLY A 37 14.95 5.84 1.90
CA GLY A 37 15.76 6.11 3.07
C GLY A 37 15.53 5.09 4.18
N GLN A 38 16.04 5.40 5.38
CA GLN A 38 15.91 4.51 6.51
C GLN A 38 14.63 4.80 7.30
N VAL A 39 13.82 3.76 7.48
CA VAL A 39 12.58 3.91 8.24
C VAL A 39 12.73 3.33 9.64
N VAL A 40 12.29 4.08 10.63
CA VAL A 40 12.47 3.70 12.02
C VAL A 40 11.17 3.89 12.81
N ARG A 41 10.86 2.90 13.65
CA ARG A 41 9.81 3.08 14.64
C ARG A 41 10.31 3.97 15.76
N ALA A 42 9.59 5.04 16.06
CA ALA A 42 10.01 5.95 17.12
C ALA A 42 8.90 6.24 18.12
N GLU A 43 9.29 6.69 19.30
CA GLU A 43 8.34 7.14 20.31
C GLU A 43 8.28 8.66 20.30
N ALA A 44 7.08 9.21 20.27
CA ALA A 44 6.91 10.66 20.23
C ALA A 44 6.13 11.14 21.45
N PHE A 45 6.58 12.26 22.03
CA PHE A 45 5.91 12.82 23.20
C PHE A 45 5.31 14.18 22.89
N GLY A 46 3.99 14.28 23.07
CA GLY A 46 3.30 15.54 22.83
C GLY A 46 2.97 15.80 21.38
N MET A 47 2.80 14.74 20.60
CA MET A 47 2.38 14.88 19.21
C MET A 47 1.03 15.59 19.18
N ASP A 48 0.18 15.24 20.14
CA ASP A 48 -1.01 16.02 20.45
C ASP A 48 -0.62 17.10 21.46
N PRO A 49 -0.56 18.36 21.02
CA PRO A 49 -0.10 19.48 21.86
C PRO A 49 -0.96 19.71 23.10
N ALA A 50 -2.15 19.10 23.14
CA ALA A 50 -3.00 19.18 24.31
C ALA A 50 -2.51 18.22 25.39
N ARG A 51 -1.73 17.23 24.97
CA ARG A 51 -1.18 16.24 25.89
C ARG A 51 0.34 16.13 25.68
N PRO A 52 1.08 17.15 26.14
CA PRO A 52 2.51 17.33 25.85
C PRO A 52 3.41 16.21 26.37
N ASP A 53 2.97 15.50 27.42
CA ASP A 53 3.78 14.44 27.99
C ASP A 53 3.22 13.05 27.69
N GLN A 54 2.37 12.98 26.67
CA GLN A 54 1.75 11.71 26.29
C GLN A 54 2.55 11.02 25.20
N ALA A 55 2.90 9.75 25.42
CA ALA A 55 3.66 8.98 24.44
C ALA A 55 2.76 8.47 23.32
N SER A 56 3.34 8.35 22.13
CA SER A 56 2.67 7.72 21.01
C SER A 56 3.71 7.06 20.12
N THR A 57 3.32 5.96 19.46
CA THR A 57 4.21 5.25 18.56
C THR A 57 4.04 5.76 17.14
N VAL A 58 5.13 6.22 16.55
CA VAL A 58 5.11 6.75 15.19
C VAL A 58 6.19 6.11 14.33
N ALA A 59 6.14 6.40 13.04
CA ALA A 59 7.18 5.96 12.12
C ALA A 59 7.99 7.17 11.65
N VAL A 60 9.31 7.01 11.58
CA VAL A 60 10.17 8.11 11.17
C VAL A 60 11.08 7.71 10.00
N LYS A 61 11.06 8.53 8.95
CA LYS A 61 11.94 8.31 7.81
C LYS A 61 13.08 9.33 7.81
N MET A 62 14.30 8.85 7.59
CA MET A 62 15.48 9.69 7.58
C MET A 62 16.36 9.36 6.38
N LEU A 63 17.49 10.04 6.27
CA LEU A 63 18.40 9.81 5.17
C LEU A 63 19.42 8.74 5.50
N LYS A 64 19.73 7.92 4.50
CA LYS A 64 20.78 6.91 4.59
C LYS A 64 22.14 7.52 4.93
N ASP A 65 22.99 6.76 5.62
CA ASP A 65 24.39 7.16 5.79
C ASP A 65 25.09 7.28 4.41
N ASN A 66 25.69 8.43 4.15
CA ASN A 66 26.30 8.76 2.84
C ASN A 66 25.22 8.91 1.78
N ALA A 67 24.36 9.91 1.94
CA ALA A 67 23.27 10.18 1.01
C ALA A 67 23.65 11.33 0.08
N SER A 68 23.45 11.14 -1.22
CA SER A 68 23.71 12.19 -2.19
C SER A 68 22.70 13.31 -2.08
N ASP A 69 22.90 14.38 -2.83
CA ASP A 69 21.97 15.49 -2.82
C ASP A 69 20.64 15.11 -3.45
N LYS A 70 20.66 14.04 -4.25
CA LYS A 70 19.44 13.53 -4.85
C LYS A 70 18.55 12.85 -3.80
N ASP A 71 19.17 12.02 -2.95
CA ASP A 71 18.45 11.35 -1.89
C ASP A 71 17.79 12.35 -0.96
N LEU A 72 18.48 13.47 -0.71
CA LEU A 72 17.95 14.54 0.11
C LEU A 72 16.77 15.23 -0.58
N ALA A 73 16.93 15.51 -1.87
CA ALA A 73 15.89 16.17 -2.65
C ALA A 73 14.65 15.28 -2.77
N ASP A 74 14.88 13.97 -2.86
CA ASP A 74 13.79 13.00 -2.95
C ASP A 74 12.94 13.00 -1.68
N LEU A 75 13.59 12.96 -0.52
CA LEU A 75 12.89 12.94 0.75
C LEU A 75 12.15 14.25 0.99
N VAL A 76 12.81 15.36 0.67
CA VAL A 76 12.17 16.68 0.79
C VAL A 76 10.95 16.73 -0.12
N SER A 77 11.09 16.21 -1.33
CA SER A 77 9.99 16.14 -2.29
C SER A 77 8.85 15.29 -1.74
N GLU A 78 9.21 14.13 -1.17
CA GLU A 78 8.24 13.23 -0.57
C GLU A 78 7.54 13.89 0.62
N MET A 79 8.28 14.71 1.34
CA MET A 79 7.75 15.43 2.49
C MET A 79 6.67 16.42 2.08
N GLU A 80 6.93 17.14 0.99
CA GLU A 80 6.04 18.20 0.55
C GLU A 80 4.78 17.65 -0.11
N VAL A 81 4.91 16.50 -0.77
CA VAL A 81 3.77 15.84 -1.38
C VAL A 81 2.75 15.45 -0.31
N MET A 82 3.24 14.94 0.81
CA MET A 82 2.37 14.50 1.89
C MET A 82 1.66 15.66 2.57
N LYS A 83 2.27 16.84 2.53
CA LYS A 83 1.63 18.03 3.08
C LYS A 83 0.42 18.42 2.24
N LEU A 84 0.56 18.31 0.91
CA LEU A 84 -0.46 18.77 -0.02
C LEU A 84 -1.63 17.81 -0.14
N ILE A 85 -1.37 16.52 -0.04
CA ILE A 85 -2.40 15.51 -0.23
C ILE A 85 -3.44 15.58 0.88
N GLY A 86 -2.99 15.81 2.11
CA GLY A 86 -3.92 15.97 3.22
C GLY A 86 -4.15 14.69 3.99
N ARG A 87 -5.16 14.70 4.85
CA ARG A 87 -5.40 13.57 5.75
C ARG A 87 -6.56 12.69 5.29
N HIS A 88 -6.37 11.38 5.40
CA HIS A 88 -7.44 10.41 5.17
C HIS A 88 -7.16 9.16 6.01
N LYS A 89 -8.23 8.52 6.49
CA LYS A 89 -8.07 7.39 7.41
C LYS A 89 -7.46 6.16 6.73
N ASN A 90 -7.52 6.12 5.41
CA ASN A 90 -7.04 4.95 4.67
C ASN A 90 -5.73 5.19 3.93
N ILE A 91 -4.97 6.19 4.36
CA ILE A 91 -3.61 6.36 3.89
C ILE A 91 -2.69 6.55 5.09
N ILE A 92 -1.38 6.42 4.85
CA ILE A 92 -0.38 6.74 5.87
C ILE A 92 -0.25 8.26 5.94
N ASN A 93 -0.66 8.84 7.06
CA ASN A 93 -0.74 10.29 7.17
C ASN A 93 0.50 10.92 7.77
N LEU A 94 0.84 12.11 7.28
CA LEU A 94 1.95 12.88 7.80
C LEU A 94 1.60 13.45 9.17
N LEU A 95 2.51 13.31 10.13
CA LEU A 95 2.26 13.79 11.48
C LEU A 95 3.11 15.01 11.80
N GLY A 96 4.37 15.00 11.35
CA GLY A 96 5.26 16.11 11.60
C GLY A 96 6.60 15.93 10.92
N VAL A 97 7.44 16.96 10.99
CA VAL A 97 8.76 16.92 10.40
C VAL A 97 9.80 17.55 11.32
N CYS A 98 11.06 17.21 11.09
CA CYS A 98 12.15 17.85 11.80
C CYS A 98 13.16 18.39 10.80
N THR A 99 13.08 19.69 10.53
CA THR A 99 13.91 20.31 9.50
C THR A 99 14.97 21.25 10.08
N GLN A 100 14.85 21.57 11.36
CA GLN A 100 15.72 22.57 11.96
C GLN A 100 16.72 21.98 12.95
N GLU A 101 17.98 22.40 12.83
CA GLU A 101 19.04 22.06 13.77
C GLU A 101 19.24 20.56 13.95
N GLY A 102 19.48 19.85 12.85
CA GLY A 102 19.68 18.42 12.88
C GLY A 102 19.25 17.75 11.60
N PRO A 103 19.38 16.42 11.53
CA PRO A 103 19.04 15.65 10.32
C PRO A 103 17.54 15.72 9.99
N LEU A 104 17.23 15.58 8.70
CA LEU A 104 15.85 15.65 8.24
C LEU A 104 15.03 14.43 8.66
N TYR A 105 13.99 14.68 9.45
CA TYR A 105 13.07 13.62 9.86
C TYR A 105 11.68 13.86 9.27
N VAL A 106 11.06 12.79 8.76
CA VAL A 106 9.66 12.86 8.34
C VAL A 106 8.85 11.87 9.16
N ILE A 107 7.91 12.41 9.95
CA ILE A 107 7.15 11.61 10.91
C ILE A 107 5.74 11.28 10.41
N VAL A 108 5.45 9.99 10.27
CA VAL A 108 4.14 9.53 9.81
C VAL A 108 3.53 8.53 10.77
N GLU A 109 2.27 8.15 10.51
CA GLU A 109 1.58 7.17 11.33
C GLU A 109 2.27 5.81 11.29
N CYS A 110 2.16 5.05 12.38
CA CYS A 110 2.76 3.73 12.46
C CYS A 110 1.70 2.63 12.34
N ALA A 111 1.97 1.62 11.53
CA ALA A 111 1.05 0.51 11.34
C ALA A 111 1.59 -0.74 12.01
N ALA A 112 0.95 -1.12 13.13
CA ALA A 112 1.48 -2.16 14.01
C ALA A 112 1.55 -3.55 13.35
N LYS A 113 0.62 -3.85 12.45
CA LYS A 113 0.52 -5.20 11.90
C LYS A 113 1.26 -5.41 10.58
N GLY A 114 2.01 -4.39 10.15
CA GLY A 114 2.81 -4.51 8.93
C GLY A 114 1.99 -4.45 7.66
N ASN A 115 2.58 -4.90 6.55
CA ASN A 115 1.93 -4.79 5.25
C ASN A 115 0.87 -5.87 5.03
N LEU A 116 -0.04 -5.61 4.10
CA LEU A 116 -1.22 -6.44 3.90
C LEU A 116 -0.89 -7.86 3.44
N ARG A 117 0.12 -8.00 2.58
CA ARG A 117 0.51 -9.31 2.08
C ARG A 117 0.92 -10.25 3.22
N GLU A 118 1.79 -9.76 4.10
CA GLU A 118 2.26 -10.57 5.23
C GLU A 118 1.12 -10.81 6.21
N PHE A 119 0.25 -9.82 6.36
CA PHE A 119 -0.95 -9.94 7.20
C PHE A 119 -1.82 -11.11 6.76
N LEU A 120 -2.06 -11.21 5.45
CA LEU A 120 -2.91 -12.26 4.91
C LEU A 120 -2.26 -13.64 5.01
N ARG A 121 -0.99 -13.72 4.60
CA ARG A 121 -0.27 -14.99 4.59
C ARG A 121 -0.10 -15.58 5.98
N ALA A 122 0.06 -14.71 6.97
CA ALA A 122 0.23 -15.16 8.36
C ALA A 122 -1.09 -15.55 8.99
N ARG A 123 -2.18 -15.33 8.27
CA ARG A 123 -3.51 -15.64 8.79
C ARG A 123 -4.29 -16.57 7.88
N ARG A 124 -3.58 -17.47 7.21
CA ARG A 124 -4.21 -18.48 6.37
C ARG A 124 -4.82 -19.59 7.23
N PRO A 125 -5.98 -20.14 6.79
CA PRO A 125 -6.69 -21.20 7.50
C PRO A 125 -5.82 -22.45 7.69
N PRO A 126 -6.20 -23.33 8.64
CA PRO A 126 -5.45 -24.56 8.93
C PRO A 126 -5.12 -25.40 7.70
N ASP A 129 -4.36 -30.83 7.61
CA ASP A 129 -4.49 -31.92 8.59
C ASP A 129 -4.09 -31.45 9.99
N LEU A 130 -4.89 -30.56 10.57
CA LEU A 130 -4.65 -30.06 11.91
C LEU A 130 -5.55 -30.80 12.91
N SER A 131 -5.01 -31.10 14.08
CA SER A 131 -5.78 -31.80 15.11
C SER A 131 -6.79 -30.87 15.77
N PRO A 132 -8.08 -31.13 15.55
CA PRO A 132 -9.18 -30.24 15.97
C PRO A 132 -9.33 -30.08 17.49
N ASP A 133 -9.10 -28.87 17.99
CA ASP A 133 -9.48 -28.53 19.34
C ASP A 133 -10.54 -27.43 19.33
N GLY A 134 -11.30 -27.33 20.41
CA GLY A 134 -12.35 -26.32 20.51
C GLY A 134 -13.46 -26.49 19.49
N PRO A 135 -14.48 -25.63 19.55
CA PRO A 135 -15.63 -25.70 18.64
C PRO A 135 -15.35 -25.11 17.26
N ARG A 136 -14.26 -24.36 17.14
CA ARG A 136 -13.93 -23.69 15.88
C ARG A 136 -12.49 -23.95 15.46
N SER A 137 -12.19 -25.21 15.14
CA SER A 137 -10.84 -25.59 14.75
C SER A 137 -10.61 -25.36 13.26
N SER A 138 -11.66 -25.54 12.46
CA SER A 138 -11.58 -25.31 11.03
C SER A 138 -12.07 -23.91 10.69
N GLU A 139 -11.86 -22.98 11.61
CA GLU A 139 -12.28 -21.60 11.43
C GLU A 139 -11.10 -20.65 11.55
N GLY A 140 -10.58 -20.21 10.42
CA GLY A 140 -9.41 -19.35 10.38
C GLY A 140 -9.69 -17.94 10.84
N PRO A 141 -8.63 -17.15 11.07
CA PRO A 141 -8.76 -15.76 11.51
C PRO A 141 -9.44 -14.88 10.46
N LEU A 142 -9.29 -15.25 9.19
CA LEU A 142 -9.82 -14.46 8.10
C LEU A 142 -11.17 -14.97 7.61
N SER A 143 -12.15 -14.07 7.54
CA SER A 143 -13.47 -14.42 7.01
C SER A 143 -13.75 -13.59 5.77
N PHE A 144 -14.72 -14.04 4.97
CA PHE A 144 -15.05 -13.37 3.73
C PHE A 144 -15.41 -11.88 3.88
N PRO A 145 -16.27 -11.52 4.85
CA PRO A 145 -16.61 -10.09 4.92
C PRO A 145 -15.42 -9.18 5.24
N VAL A 146 -14.50 -9.66 6.08
CA VAL A 146 -13.33 -8.87 6.44
C VAL A 146 -12.40 -8.69 5.23
N LEU A 147 -12.27 -9.74 4.42
CA LEU A 147 -11.52 -9.67 3.17
C LEU A 147 -12.08 -8.59 2.25
N VAL A 148 -13.41 -8.53 2.16
CA VAL A 148 -14.08 -7.52 1.35
C VAL A 148 -13.84 -6.13 1.93
N SER A 149 -13.88 -6.04 3.26
CA SER A 149 -13.63 -4.78 3.95
C SER A 149 -12.23 -4.27 3.63
N CYS A 150 -11.25 -5.16 3.69
CA CYS A 150 -9.88 -4.81 3.32
C CYS A 150 -9.82 -4.23 1.92
N ALA A 151 -10.49 -4.87 0.98
CA ALA A 151 -10.55 -4.39 -0.40
C ALA A 151 -11.25 -3.05 -0.48
N TYR A 152 -12.36 -2.91 0.26
CA TYR A 152 -13.15 -1.69 0.26
C TYR A 152 -12.32 -0.50 0.75
N GLN A 153 -11.52 -0.72 1.79
CA GLN A 153 -10.72 0.35 2.38
C GLN A 153 -9.59 0.80 1.44
N VAL A 154 -8.92 -0.15 0.82
CA VAL A 154 -7.87 0.17 -0.13
C VAL A 154 -8.46 0.98 -1.29
N ALA A 155 -9.68 0.63 -1.68
CA ALA A 155 -10.39 1.33 -2.74
C ALA A 155 -10.71 2.77 -2.35
N ARG A 156 -11.28 2.95 -1.15
CA ARG A 156 -11.60 4.28 -0.65
C ARG A 156 -10.35 5.14 -0.50
N GLY A 157 -9.26 4.52 -0.07
CA GLY A 157 -8.00 5.22 0.09
C GLY A 157 -7.47 5.73 -1.23
N MET A 158 -7.49 4.84 -2.22
CA MET A 158 -7.06 5.19 -3.58
C MET A 158 -7.95 6.28 -4.18
N GLN A 159 -9.24 6.22 -3.87
CA GLN A 159 -10.18 7.23 -4.35
C GLN A 159 -9.78 8.61 -3.86
N TYR A 160 -9.44 8.71 -2.58
CA TYR A 160 -8.97 9.97 -2.00
C TYR A 160 -7.70 10.47 -2.69
N LEU A 161 -6.74 9.57 -2.90
CA LEU A 161 -5.50 9.92 -3.56
C LEU A 161 -5.76 10.44 -4.97
N GLU A 162 -6.63 9.75 -5.70
CA GLU A 162 -7.02 10.16 -7.05
C GLU A 162 -7.64 11.57 -7.05
N SER A 163 -8.43 11.87 -6.03
CA SER A 163 -9.05 13.18 -5.91
C SER A 163 -8.00 14.25 -5.61
N ARG A 164 -6.85 13.81 -5.13
CA ARG A 164 -5.72 14.71 -4.88
C ARG A 164 -4.75 14.68 -6.04
N LYS A 165 -5.20 14.13 -7.16
CA LYS A 165 -4.39 14.02 -8.37
C LYS A 165 -3.08 13.26 -8.09
N CYS A 166 -3.18 12.19 -7.31
CA CYS A 166 -2.03 11.38 -6.94
C CYS A 166 -2.11 9.99 -7.54
N ILE A 167 -1.13 9.64 -8.37
CA ILE A 167 -1.03 8.31 -8.96
C ILE A 167 0.03 7.50 -8.22
N HIS A 168 -0.33 6.31 -7.77
CA HIS A 168 0.56 5.50 -6.95
C HIS A 168 1.71 4.90 -7.76
N ARG A 169 1.37 4.30 -8.90
CA ARG A 169 2.31 3.68 -9.84
C ARG A 169 2.94 2.38 -9.34
N ASP A 170 2.60 1.95 -8.12
CA ASP A 170 3.02 0.64 -7.63
C ASP A 170 2.08 0.11 -6.56
N LEU A 171 0.79 0.12 -6.86
CA LEU A 171 -0.20 -0.36 -5.91
C LEU A 171 -0.15 -1.88 -5.80
N ALA A 172 0.05 -2.37 -4.58
CA ALA A 172 0.14 -3.80 -4.33
C ALA A 172 -0.15 -4.07 -2.86
N ALA A 173 -0.46 -5.32 -2.54
CA ALA A 173 -0.79 -5.69 -1.16
C ALA A 173 0.38 -5.37 -0.23
N ARG A 174 1.59 -5.43 -0.77
CA ARG A 174 2.79 -5.17 0.05
C ARG A 174 2.99 -3.68 0.26
N ASN A 175 2.30 -2.88 -0.54
CA ASN A 175 2.32 -1.44 -0.30
C ASN A 175 1.04 -0.94 0.35
N VAL A 176 0.40 -1.82 1.12
CA VAL A 176 -0.73 -1.44 1.96
C VAL A 176 -0.41 -1.84 3.39
N LEU A 177 -0.57 -0.90 4.33
CA LEU A 177 -0.22 -1.15 5.71
C LEU A 177 -1.45 -1.36 6.60
N VAL A 178 -1.32 -2.27 7.57
CA VAL A 178 -2.44 -2.64 8.44
C VAL A 178 -2.22 -2.19 9.88
N THR A 179 -3.16 -1.40 10.40
CA THR A 179 -3.06 -0.89 11.75
C THR A 179 -3.47 -1.93 12.79
N GLU A 180 -3.39 -1.53 14.07
CA GLU A 180 -3.78 -2.39 15.22
C GLU A 180 -5.27 -2.73 15.16
N ASP A 181 -6.06 -1.89 14.50
CA ASP A 181 -7.50 -2.12 14.40
C ASP A 181 -7.89 -2.59 13.00
N ASN A 182 -6.95 -3.23 12.32
CA ASN A 182 -7.15 -3.76 10.96
C ASN A 182 -7.72 -2.72 10.00
N VAL A 183 -7.15 -1.52 10.03
CA VAL A 183 -7.48 -0.48 9.05
C VAL A 183 -6.43 -0.47 7.94
N MET A 184 -6.89 -0.52 6.69
CA MET A 184 -5.98 -0.47 5.55
C MET A 184 -5.52 0.96 5.29
N LYS A 185 -4.20 1.15 5.14
CA LYS A 185 -3.64 2.45 4.82
C LYS A 185 -2.65 2.33 3.66
N ILE A 186 -2.96 2.97 2.54
CA ILE A 186 -2.08 2.95 1.36
C ILE A 186 -0.72 3.55 1.69
N ALA A 187 0.34 2.80 1.41
CA ALA A 187 1.70 3.21 1.76
C ALA A 187 2.50 3.64 0.54
N ASP A 188 3.46 4.52 0.76
CA ASP A 188 4.44 4.93 -0.25
C ASP A 188 3.81 5.47 -1.53
N PHE A 189 2.86 6.39 -1.38
CA PHE A 189 2.13 6.94 -2.53
C PHE A 189 2.82 8.17 -3.11
N GLY A 190 3.77 8.74 -2.37
CA GLY A 190 4.43 9.97 -2.81
C GLY A 190 5.85 9.76 -3.28
N LEU A 191 6.21 8.51 -3.55
CA LEU A 191 7.57 8.18 -3.98
C LEU A 191 7.82 8.52 -5.43
N ALA A 192 8.99 9.08 -5.71
CA ALA A 192 9.48 9.23 -7.08
C ALA A 192 10.22 7.95 -7.46
N ARG A 193 9.51 7.08 -8.16
CA ARG A 193 10.06 5.71 -8.40
C ARG A 193 10.83 5.57 -9.72
N GLY A 194 11.08 6.67 -10.43
CA GLY A 194 11.88 6.63 -11.66
C GLY A 194 11.35 5.62 -12.65
N VAL A 195 10.26 5.96 -13.31
CA VAL A 195 9.56 5.01 -14.18
C VAL A 195 10.17 4.91 -15.57
N HIS A 196 11.31 5.57 -15.77
CA HIS A 196 12.00 5.52 -17.05
C HIS A 196 13.20 4.59 -17.01
N HIS A 197 13.55 4.13 -15.81
CA HIS A 197 14.64 3.19 -15.65
C HIS A 197 14.24 2.02 -14.74
N ILE A 198 13.22 1.29 -15.16
CA ILE A 198 12.73 0.13 -14.41
C ILE A 198 13.30 -1.18 -14.95
N ASP A 199 13.99 -1.92 -14.08
CA ASP A 199 14.45 -3.26 -14.40
C ASP A 199 13.28 -4.24 -14.23
N TYR A 200 12.60 -4.54 -15.33
CA TYR A 200 11.41 -5.39 -15.29
C TYR A 200 11.71 -6.82 -14.82
N TYR A 201 12.97 -7.23 -14.98
CA TYR A 201 13.38 -8.58 -14.60
C TYR A 201 13.86 -8.66 -13.15
N LYS A 202 14.16 -7.52 -12.55
CA LYS A 202 14.77 -7.50 -11.23
C LYS A 202 13.80 -7.99 -10.16
N LYS A 203 14.25 -8.96 -9.38
CA LYS A 203 13.47 -9.50 -8.28
C LYS A 203 13.93 -8.87 -6.96
N THR A 204 12.97 -8.39 -6.18
CA THR A 204 13.27 -7.71 -4.91
C THR A 204 13.83 -8.67 -3.86
N SER A 205 14.15 -8.12 -2.69
CA SER A 205 14.70 -8.93 -1.59
C SER A 205 13.70 -9.97 -1.09
N ASN A 206 12.42 -9.54 -1.07
CA ASN A 206 11.22 -10.30 -0.63
C ASN A 206 10.93 -11.42 -1.64
N GLY A 207 11.42 -11.27 -2.87
CA GLY A 207 11.18 -12.21 -3.95
C GLY A 207 10.13 -11.75 -4.93
N ARG A 208 9.74 -10.49 -4.83
CA ARG A 208 8.65 -9.95 -5.64
C ARG A 208 9.12 -9.41 -6.99
N LEU A 209 8.27 -9.55 -8.01
CA LEU A 209 8.50 -8.98 -9.33
C LEU A 209 7.48 -7.88 -9.62
N PRO A 210 7.82 -6.63 -9.28
CA PRO A 210 6.92 -5.47 -9.38
C PRO A 210 6.28 -5.29 -10.76
N VAL A 211 6.87 -5.91 -11.78
CA VAL A 211 6.37 -5.78 -13.15
C VAL A 211 5.00 -6.46 -13.27
N LYS A 212 4.71 -7.38 -12.35
CA LYS A 212 3.45 -8.13 -12.39
C LYS A 212 2.25 -7.30 -11.93
N TRP A 213 2.51 -6.08 -11.46
CA TRP A 213 1.44 -5.18 -11.03
C TRP A 213 1.21 -4.04 -12.03
N MET A 214 2.07 -3.98 -13.05
CA MET A 214 2.01 -2.88 -14.02
C MET A 214 0.93 -3.05 -15.07
N ALA A 215 0.19 -1.98 -15.32
CA ALA A 215 -0.77 -1.95 -16.42
C ALA A 215 -0.01 -2.04 -17.74
N PRO A 216 -0.65 -2.61 -18.78
CA PRO A 216 0.00 -2.75 -20.09
C PRO A 216 0.48 -1.42 -20.65
N GLU A 217 -0.35 -0.38 -20.52
CA GLU A 217 0.03 0.93 -21.02
C GLU A 217 1.19 1.52 -20.23
N ALA A 218 1.34 1.07 -18.98
CA ALA A 218 2.46 1.50 -18.15
C ALA A 218 3.72 0.71 -18.49
N LEU A 219 3.56 -0.60 -18.65
CA LEU A 219 4.67 -1.48 -18.96
C LEU A 219 5.21 -1.27 -20.38
N PHE A 220 4.31 -1.25 -21.35
CA PHE A 220 4.71 -1.17 -22.75
C PHE A 220 4.90 0.26 -23.24
N ASP A 221 4.09 1.18 -22.74
CA ASP A 221 4.07 2.54 -23.28
C ASP A 221 4.53 3.60 -22.28
N GLU A 222 4.92 3.16 -21.08
CA GLU A 222 5.32 4.06 -20.00
C GLU A 222 4.26 5.11 -19.71
N VAL A 223 3.00 4.70 -19.76
CA VAL A 223 1.88 5.60 -19.52
C VAL A 223 1.18 5.27 -18.20
N TYR A 224 1.20 6.22 -17.27
CA TYR A 224 0.52 6.05 -15.99
C TYR A 224 -0.67 6.98 -15.86
N THR A 225 -1.81 6.41 -15.50
CA THR A 225 -3.01 7.18 -15.16
C THR A 225 -3.59 6.59 -13.88
N HIS A 226 -4.76 7.10 -13.48
CA HIS A 226 -5.47 6.51 -12.35
C HIS A 226 -6.04 5.15 -12.77
N GLN A 227 -6.30 4.99 -14.06
CA GLN A 227 -6.79 3.73 -14.58
C GLN A 227 -5.67 2.68 -14.59
N SER A 228 -4.43 3.16 -14.62
CA SER A 228 -3.27 2.28 -14.45
C SER A 228 -3.26 1.69 -13.05
N ASP A 229 -3.59 2.53 -12.07
CA ASP A 229 -3.69 2.09 -10.68
C ASP A 229 -4.86 1.11 -10.50
N VAL A 230 -5.90 1.28 -11.30
CA VAL A 230 -7.07 0.40 -11.24
C VAL A 230 -6.66 -1.02 -11.64
N TRP A 231 -5.85 -1.12 -12.70
CA TRP A 231 -5.28 -2.39 -13.09
C TRP A 231 -4.53 -3.01 -11.93
N SER A 232 -3.69 -2.21 -11.27
CA SER A 232 -2.91 -2.68 -10.14
C SER A 232 -3.82 -3.14 -9.01
N PHE A 233 -4.87 -2.35 -8.76
CA PHE A 233 -5.85 -2.70 -7.72
C PHE A 233 -6.48 -4.05 -8.01
N GLY A 234 -6.71 -4.33 -9.29
CA GLY A 234 -7.24 -5.63 -9.70
C GLY A 234 -6.30 -6.76 -9.29
N ILE A 235 -5.01 -6.53 -9.46
CA ILE A 235 -3.98 -7.48 -9.01
C ILE A 235 -4.03 -7.61 -7.49
N LEU A 236 -4.24 -6.49 -6.81
CA LEU A 236 -4.31 -6.48 -5.34
C LEU A 236 -5.53 -7.30 -4.88
N LEU A 237 -6.63 -7.19 -5.63
CA LEU A 237 -7.83 -7.96 -5.32
C LEU A 237 -7.54 -9.46 -5.36
N TRP A 238 -6.77 -9.88 -6.36
CA TRP A 238 -6.36 -11.28 -6.49
C TRP A 238 -5.49 -11.68 -5.29
N GLU A 239 -4.62 -10.77 -4.86
CA GLU A 239 -3.76 -11.03 -3.72
C GLU A 239 -4.58 -11.27 -2.45
N ILE A 240 -5.60 -10.45 -2.25
CA ILE A 240 -6.44 -10.55 -1.06
C ILE A 240 -7.11 -11.92 -0.95
N PHE A 241 -7.77 -12.34 -2.02
CA PHE A 241 -8.56 -13.56 -1.99
C PHE A 241 -7.75 -14.80 -2.35
N THR A 242 -6.45 -14.63 -2.52
CA THR A 242 -5.51 -15.75 -2.51
C THR A 242 -4.78 -15.76 -1.17
N LEU A 243 -5.17 -14.83 -0.30
CA LEU A 243 -4.58 -14.66 1.02
C LEU A 243 -3.06 -14.46 0.93
N GLY A 244 -2.64 -13.52 0.08
CA GLY A 244 -1.24 -13.19 -0.05
C GLY A 244 -0.50 -14.01 -1.08
N GLY A 245 -1.21 -14.47 -2.10
CA GLY A 245 -0.61 -15.25 -3.17
C GLY A 245 0.14 -14.37 -4.15
N SER A 246 1.22 -14.91 -4.72
CA SER A 246 1.99 -14.17 -5.73
C SER A 246 1.34 -14.30 -7.10
N PRO A 247 1.02 -13.17 -7.73
CA PRO A 247 0.32 -13.14 -9.03
C PRO A 247 1.12 -13.83 -10.14
N TYR A 248 0.40 -14.28 -11.16
CA TYR A 248 0.97 -15.04 -12.27
C TYR A 248 1.94 -16.12 -11.79
N PRO A 249 1.42 -17.11 -11.05
CA PRO A 249 2.26 -18.13 -10.40
C PRO A 249 3.11 -18.92 -11.40
N GLY A 250 4.41 -19.00 -11.13
CA GLY A 250 5.31 -19.81 -11.93
C GLY A 250 5.59 -19.27 -13.33
N ILE A 251 5.31 -17.99 -13.52
CA ILE A 251 5.56 -17.35 -14.81
C ILE A 251 6.68 -16.33 -14.70
N PRO A 252 7.84 -16.63 -15.31
CA PRO A 252 8.96 -15.69 -15.36
C PRO A 252 8.61 -14.46 -16.18
N VAL A 253 9.36 -13.38 -16.00
CA VAL A 253 9.08 -12.10 -16.66
C VAL A 253 9.05 -12.23 -18.18
N GLU A 254 9.97 -13.02 -18.74
CA GLU A 254 10.04 -13.19 -20.19
C GLU A 254 8.72 -13.69 -20.76
N GLU A 255 8.18 -14.74 -20.15
CA GLU A 255 6.91 -15.31 -20.58
C GLU A 255 5.75 -14.34 -20.35
N LEU A 256 5.82 -13.60 -19.23
CA LEU A 256 4.78 -12.63 -18.89
C LEU A 256 4.62 -11.57 -19.99
N PHE A 257 5.74 -11.17 -20.58
CA PHE A 257 5.74 -10.21 -21.69
C PHE A 257 4.85 -10.67 -22.84
N SER A 258 5.11 -11.87 -23.34
CA SER A 258 4.36 -12.40 -24.48
C SER A 258 2.92 -12.75 -24.11
N LEU A 259 2.74 -13.31 -22.92
CA LEU A 259 1.41 -13.65 -22.44
C LEU A 259 0.52 -12.41 -22.39
N LEU A 260 1.04 -11.33 -21.83
CA LEU A 260 0.30 -10.08 -21.78
C LEU A 260 0.00 -9.55 -23.17
N ARG A 261 0.94 -9.75 -24.10
CA ARG A 261 0.73 -9.33 -25.48
C ARG A 261 -0.37 -10.15 -26.14
N GLU A 262 -0.50 -11.41 -25.72
CA GLU A 262 -1.55 -12.28 -26.21
C GLU A 262 -2.86 -12.07 -25.45
N GLY A 263 -2.82 -11.22 -24.43
CA GLY A 263 -4.01 -10.88 -23.66
C GLY A 263 -4.33 -11.87 -22.55
N HIS A 264 -3.30 -12.55 -22.05
CA HIS A 264 -3.45 -13.51 -20.97
C HIS A 264 -3.93 -12.84 -19.67
N ARG A 265 -4.81 -13.52 -18.95
CA ARG A 265 -5.29 -13.05 -17.66
C ARG A 265 -5.25 -14.18 -16.63
N MET A 266 -5.07 -13.83 -15.36
CA MET A 266 -5.01 -14.82 -14.29
C MET A 266 -6.34 -15.58 -14.13
N ASP A 267 -6.23 -16.87 -13.83
CA ASP A 267 -7.41 -17.69 -13.58
C ASP A 267 -8.13 -17.27 -12.30
N ARG A 268 -9.38 -17.68 -12.17
CA ARG A 268 -10.16 -17.46 -10.97
C ARG A 268 -9.59 -18.27 -9.81
N PRO A 269 -9.18 -17.59 -8.73
CA PRO A 269 -8.63 -18.29 -7.56
C PRO A 269 -9.70 -19.11 -6.81
N PRO A 270 -9.28 -20.19 -6.16
CA PRO A 270 -10.20 -21.04 -5.38
C PRO A 270 -10.85 -20.27 -4.24
N HIS A 271 -12.06 -20.68 -3.86
CA HIS A 271 -12.79 -20.04 -2.76
C HIS A 271 -12.98 -18.55 -3.00
N CYS A 272 -13.35 -18.18 -4.22
CA CYS A 272 -13.56 -16.79 -4.58
C CYS A 272 -14.83 -16.63 -5.42
N PRO A 273 -15.87 -16.01 -4.84
CA PRO A 273 -17.16 -15.83 -5.52
C PRO A 273 -17.01 -15.08 -6.85
N PRO A 274 -17.88 -15.39 -7.83
CA PRO A 274 -17.77 -14.84 -9.18
C PRO A 274 -17.92 -13.33 -9.23
N GLU A 275 -18.56 -12.75 -8.22
CA GLU A 275 -18.71 -11.30 -8.15
C GLU A 275 -17.36 -10.59 -8.10
N LEU A 276 -16.46 -11.13 -7.28
CA LEU A 276 -15.16 -10.51 -7.06
C LEU A 276 -14.18 -10.79 -8.19
N TYR A 277 -14.23 -12.01 -8.75
CA TYR A 277 -13.39 -12.32 -9.89
C TYR A 277 -13.83 -11.48 -11.08
N GLY A 278 -15.11 -11.12 -11.10
CA GLY A 278 -15.65 -10.23 -12.12
C GLY A 278 -15.04 -8.85 -12.04
N LEU A 279 -14.89 -8.35 -10.81
CA LEU A 279 -14.26 -7.05 -10.59
C LEU A 279 -12.78 -7.09 -10.98
N MET A 280 -12.11 -8.18 -10.65
CA MET A 280 -10.71 -8.37 -11.03
C MET A 280 -10.56 -8.25 -12.54
N ARG A 281 -11.34 -9.03 -13.27
CA ARG A 281 -11.29 -9.03 -14.73
C ARG A 281 -11.69 -7.68 -15.30
N GLU A 282 -12.56 -6.95 -14.59
CA GLU A 282 -12.95 -5.61 -15.02
C GLU A 282 -11.78 -4.65 -14.90
N CYS A 283 -10.99 -4.80 -13.85
CA CYS A 283 -9.82 -3.95 -13.64
C CYS A 283 -8.73 -4.28 -14.65
N TRP A 284 -8.80 -5.46 -15.24
CA TRP A 284 -7.78 -5.92 -16.17
C TRP A 284 -8.22 -5.79 -17.63
N HIS A 285 -9.32 -5.09 -17.86
CA HIS A 285 -9.75 -4.81 -19.23
C HIS A 285 -8.66 -4.01 -19.94
N ALA A 286 -8.38 -4.39 -21.20
CA ALA A 286 -7.29 -3.79 -21.96
C ALA A 286 -7.45 -2.27 -22.07
N ALA A 287 -8.59 -1.83 -22.57
CA ALA A 287 -8.87 -0.40 -22.68
C ALA A 287 -9.05 0.20 -21.29
N PRO A 288 -8.24 1.21 -20.94
CA PRO A 288 -8.29 1.85 -19.63
C PRO A 288 -9.68 2.45 -19.34
N SER A 289 -10.35 2.94 -20.38
CA SER A 289 -11.67 3.52 -20.22
C SER A 289 -12.73 2.45 -19.97
N GLN A 290 -12.37 1.20 -20.23
CA GLN A 290 -13.29 0.10 -20.01
C GLN A 290 -13.06 -0.56 -18.65
N ARG A 291 -12.16 0.03 -17.86
CA ARG A 291 -11.96 -0.39 -16.47
C ARG A 291 -12.82 0.48 -15.57
N PRO A 292 -13.26 -0.07 -14.43
CA PRO A 292 -14.00 0.72 -13.45
C PRO A 292 -13.13 1.82 -12.86
N THR A 293 -13.76 2.92 -12.45
CA THR A 293 -13.05 3.94 -11.68
C THR A 293 -12.98 3.47 -10.23
N PHE A 294 -12.17 4.15 -9.42
CA PHE A 294 -12.09 3.81 -8.01
C PHE A 294 -13.42 4.11 -7.32
N LYS A 295 -14.11 5.15 -7.78
CA LYS A 295 -15.43 5.48 -7.25
C LYS A 295 -16.42 4.36 -7.49
N GLN A 296 -16.35 3.75 -8.67
CA GLN A 296 -17.20 2.61 -9.01
C GLN A 296 -16.79 1.36 -8.22
N LEU A 297 -15.49 1.22 -7.99
CA LEU A 297 -14.97 0.10 -7.20
C LEU A 297 -15.42 0.21 -5.76
N VAL A 298 -15.34 1.41 -5.20
CA VAL A 298 -15.81 1.67 -3.85
C VAL A 298 -17.30 1.32 -3.72
N GLU A 299 -18.07 1.76 -4.71
CA GLU A 299 -19.51 1.52 -4.72
C GLU A 299 -19.84 0.04 -4.90
N ALA A 300 -19.14 -0.62 -5.82
CA ALA A 300 -19.36 -2.04 -6.09
C ALA A 300 -19.02 -2.87 -4.86
N LEU A 301 -17.86 -2.62 -4.28
CA LEU A 301 -17.39 -3.37 -3.11
C LEU A 301 -18.27 -3.09 -1.90
N ASP A 302 -18.86 -1.90 -1.85
CA ASP A 302 -19.75 -1.52 -0.77
C ASP A 302 -21.02 -2.36 -0.78
N LYS A 303 -21.56 -2.61 -1.97
CA LYS A 303 -22.76 -3.42 -2.13
C LYS A 303 -22.54 -4.84 -1.60
N VAL A 304 -21.38 -5.40 -1.95
CA VAL A 304 -21.04 -6.74 -1.50
C VAL A 304 -20.88 -6.77 0.01
N LEU A 305 -20.31 -5.70 0.56
CA LEU A 305 -20.05 -5.61 1.98
C LEU A 305 -21.34 -5.55 2.79
N LEU A 306 -22.34 -4.86 2.26
CA LEU A 306 -23.62 -4.71 2.96
C LEU A 306 -24.54 -5.90 2.72
N ALA A 307 -24.16 -6.77 1.80
CA ALA A 307 -24.98 -7.94 1.48
C ALA A 307 -24.68 -9.12 2.39
N VAL A 308 -23.79 -8.91 3.36
CA VAL A 308 -23.44 -9.96 4.31
C VAL A 308 -24.63 -10.27 5.22
N SER A 309 -24.69 -11.51 5.70
CA SER A 309 -25.79 -11.96 6.55
C SER A 309 -25.66 -11.38 7.96
N GLU A 310 -26.63 -10.57 8.36
CA GLU A 310 -26.57 -9.84 9.62
C GLU A 310 -27.31 -10.55 10.75
N GLU A 311 -27.61 -11.83 10.55
CA GLU A 311 -28.31 -12.65 11.54
C GLU A 311 -29.69 -12.06 11.90
N1 GX3 B . 4.09 1.73 9.82
C2 GX3 B . 5.98 2.00 7.88
N3 GX3 B . 4.93 -0.38 10.28
C4 GX3 B . 4.98 0.75 9.58
C5 GX3 B . 5.49 -1.59 9.64
C6 GX3 B . 7.04 3.20 6.17
C8 GX3 B . 5.19 4.20 7.32
CL1 GX3 B . 8.24 6.37 7.17
CL2 GX3 B . 4.30 4.29 4.17
C1 GX3 B . 5.09 3.04 8.10
O1 GX3 B . 7.92 3.26 5.31
N2 GX3 B . 5.91 0.89 8.61
O2 GX3 B . 4.51 6.70 2.66
C3 GX3 B . 4.13 2.91 9.08
O3 GX3 B . 8.05 8.56 5.36
N4 GX3 B . 6.92 2.11 6.94
O4 GX3 B . 12.02 -2.19 0.47
N5 GX3 B . 8.54 -0.27 3.37
N6 GX3 B . 10.49 -0.75 1.24
C7 GX3 B . 6.17 4.28 6.35
C9 GX3 B . 7.84 0.96 6.77
C10 GX3 B . 6.25 5.43 5.57
C11 GX3 B . 7.14 6.47 5.85
C12 GX3 B . 7.15 7.60 5.04
C13 GX3 B . 6.29 7.72 3.96
C14 GX3 B . 5.40 6.68 3.69
C15 GX3 B . 5.38 5.55 4.50
C16 GX3 B . 7.89 9.72 4.53
C17 GX3 B . 4.37 8.01 2.10
C18 GX3 B . 7.49 0.13 5.55
C19 GX3 B . 8.79 -0.10 4.80
C20 GX3 B . 9.01 -1.61 2.99
C21 GX3 B . 10.44 -1.58 2.48
C22 GX3 B . 9.55 0.40 1.23
C23 GX3 B . 9.25 0.81 2.65
C24 GX3 B . 11.35 -1.17 0.28
C25 GX3 B . 11.53 -0.48 -1.10
C26 GX3 B . 10.76 0.78 -1.55
S SO4 C . 1.75 -18.95 -2.80
O1 SO4 C . 1.68 -17.65 -3.46
O2 SO4 C . 2.19 -19.97 -3.76
O3 SO4 C . 2.70 -18.89 -1.69
O4 SO4 C . 0.43 -19.31 -2.29
S SO4 D . 7.44 -4.62 5.41
O1 SO4 D . 6.76 -4.03 4.27
O2 SO4 D . 8.07 -5.88 5.01
O3 SO4 D . 8.47 -3.69 5.90
O4 SO4 D . 6.47 -4.86 6.49
S SO4 E . 8.74 -3.91 -2.73
O1 SO4 E . 7.63 -4.66 -3.21
O2 SO4 E . 9.46 -3.46 -3.92
O3 SO4 E . 9.58 -4.76 -1.90
O4 SO4 E . 8.25 -2.76 -2.00
#